data_4KVX
#
_entry.id   4KVX
#
_cell.length_a   40.974
_cell.length_b   64.833
_cell.length_c   60.723
_cell.angle_alpha   90.00
_cell.angle_beta   97.55
_cell.angle_gamma   90.00
#
_symmetry.space_group_name_H-M   'P 1 21 1'
#
loop_
_entity.id
_entity.type
_entity.pdbx_description
1 polymer 'N-terminal acetyltransferase A complex catalytic subunit ard1'
2 non-polymer 'ACETYL COENZYME *A'
3 water water
#
_entity_poly.entity_id   1
_entity_poly.type   'polypeptide(L)'
_entity_poly.pdbx_seq_one_letter_code
;(MSE)DIRPARISDLTG(MSE)QNCNLHNLPENYQLKYYLYHAISWP(MSE)LSYVATDPKGRVVGYVLAK(MSE)EEEP
KDGIPHGHITSVSV(MSE)RSYRHLGLAKRL(MSE)VQSQRA(MSE)VEVYGAKY(MSE)SLHVRKSNRAAIHLYRDTLQ
FDVQGIESKYYADGEDAYA(MSE)HKDFSTLK
;
_entity_poly.pdbx_strand_id   A,B
#
loop_
_chem_comp.id
_chem_comp.type
_chem_comp.name
_chem_comp.formula
ACO non-polymer 'ACETYL COENZYME *A' 'C23 H38 N7 O17 P3 S'
#
# COMPACT_ATOMS: atom_id res chain seq x y z
N ASP A 2 -7.45 5.64 -13.29
CA ASP A 2 -6.80 6.68 -12.53
C ASP A 2 -5.27 6.60 -12.64
N ILE A 3 -4.71 5.39 -12.75
CA ILE A 3 -3.25 5.25 -12.87
C ILE A 3 -2.85 4.51 -14.15
N ARG A 4 -1.89 5.06 -14.90
CA ARG A 4 -1.47 4.45 -16.17
C ARG A 4 0.01 4.79 -16.41
N PRO A 5 0.66 4.04 -17.31
CA PRO A 5 2.03 4.37 -17.68
C PRO A 5 2.16 5.80 -18.17
N ALA A 6 3.27 6.43 -17.85
CA ALA A 6 3.59 7.79 -18.31
C ALA A 6 3.94 7.81 -19.80
N ARG A 7 3.59 8.89 -20.49
CA ARG A 7 4.01 9.08 -21.89
C ARG A 7 4.72 10.41 -22.08
N ILE A 8 5.44 10.56 -23.18
CA ILE A 8 6.15 11.82 -23.47
C ILE A 8 5.20 13.03 -23.43
N SER A 9 3.97 12.81 -23.89
CA SER A 9 2.99 13.88 -23.99
C SER A 9 2.43 14.31 -22.62
N ASP A 10 2.86 13.63 -21.57
CA ASP A 10 2.42 13.98 -20.22
C ASP A 10 3.26 15.09 -19.58
N LEU A 11 4.30 15.54 -20.27
CA LEU A 11 5.25 16.49 -19.68
C LEU A 11 4.58 17.77 -19.13
N THR A 12 3.72 18.39 -19.93
CA THR A 12 3.04 19.61 -19.50
C THR A 12 2.20 19.34 -18.24
N GLY A 13 1.42 18.26 -18.25
CA GLY A 13 0.64 17.94 -17.05
C GLY A 13 1.53 17.75 -15.85
N MSE A 14 2.64 17.07 -16.06
CA MSE A 14 3.60 16.83 -14.97
C MSE A 14 4.18 18.14 -14.44
O MSE A 14 4.21 18.36 -13.24
CB MSE A 14 4.71 15.89 -15.44
CG MSE A 14 4.22 14.48 -15.64
SE MSE A 14 5.54 13.47 -16.65
CE MSE A 14 5.07 11.65 -16.16
N GLN A 15 4.61 19.01 -15.34
CA GLN A 15 5.13 20.32 -14.92
C GLN A 15 4.11 21.06 -14.05
N ASN A 16 2.84 20.98 -14.44
CA ASN A 16 1.78 21.66 -13.73
C ASN A 16 1.52 21.09 -12.35
N CYS A 17 2.03 19.90 -12.07
CA CYS A 17 1.96 19.37 -10.71
C CYS A 17 2.91 20.10 -9.78
N ASN A 18 3.89 20.79 -10.36
CA ASN A 18 4.99 21.33 -9.55
C ASN A 18 4.98 22.85 -9.44
N LEU A 19 3.83 23.45 -9.70
CA LEU A 19 3.60 24.89 -9.67
C LEU A 19 4.10 25.52 -8.36
N HIS A 20 3.97 24.81 -7.24
CA HIS A 20 4.39 25.37 -5.96
C HIS A 20 5.66 24.72 -5.40
N ASN A 21 6.34 23.95 -6.22
CA ASN A 21 7.66 23.44 -5.87
C ASN A 21 8.46 23.26 -7.14
N LEU A 22 8.77 24.40 -7.73
CA LEU A 22 9.36 24.45 -9.05
C LEU A 22 10.70 23.75 -9.24
N PRO A 23 11.51 23.60 -8.17
CA PRO A 23 12.76 22.84 -8.38
C PRO A 23 12.54 21.43 -8.92
N GLU A 24 11.35 20.88 -8.70
CA GLU A 24 11.07 19.56 -9.22
C GLU A 24 10.96 19.52 -10.75
N ASN A 25 10.86 20.70 -11.38
CA ASN A 25 10.84 20.78 -12.83
C ASN A 25 12.22 20.91 -13.47
N TYR A 26 13.25 21.14 -12.65
CA TYR A 26 14.58 21.45 -13.19
C TYR A 26 15.08 20.37 -14.15
N GLN A 27 14.85 19.12 -13.79
CA GLN A 27 15.36 17.98 -14.56
C GLN A 27 14.25 17.11 -15.13
N LEU A 28 13.03 17.59 -15.07
CA LEU A 28 11.85 16.78 -15.39
C LEU A 28 11.88 16.22 -16.81
N LYS A 29 12.20 17.07 -17.77
CA LYS A 29 12.20 16.64 -19.16
C LYS A 29 13.24 15.54 -19.40
N TYR A 30 14.45 15.78 -18.92
CA TYR A 30 15.49 14.77 -18.94
C TYR A 30 15.03 13.44 -18.35
N TYR A 31 14.50 13.50 -17.14
CA TYR A 31 14.06 12.28 -16.48
C TYR A 31 12.88 11.61 -17.18
N LEU A 32 12.01 12.42 -17.77
CA LEU A 32 10.90 11.86 -18.56
C LEU A 32 11.39 11.10 -19.77
N TYR A 33 12.35 11.65 -20.50
CA TYR A 33 12.92 10.95 -21.65
C TYR A 33 13.54 9.64 -21.22
N HIS A 34 14.29 9.66 -20.12
CA HIS A 34 14.84 8.41 -19.63
C HIS A 34 13.77 7.43 -19.17
N ALA A 35 12.72 7.93 -18.54
CA ALA A 35 11.63 7.09 -18.07
C ALA A 35 11.01 6.27 -19.20
N ILE A 36 10.68 6.96 -20.28
CA ILE A 36 10.03 6.37 -21.44
C ILE A 36 10.83 5.22 -22.03
N SER A 37 12.15 5.31 -21.93
CA SER A 37 13.04 4.26 -22.44
C SER A 37 13.10 3.04 -21.51
N TRP A 38 12.43 3.10 -20.36
CA TRP A 38 12.25 1.95 -19.47
C TRP A 38 10.77 1.69 -19.22
N PRO A 39 10.10 1.07 -20.20
CA PRO A 39 8.67 0.84 -20.14
C PRO A 39 8.26 0.14 -18.85
N MSE A 40 7.10 0.55 -18.35
CA MSE A 40 6.42 -0.03 -17.19
C MSE A 40 6.99 0.42 -15.86
O MSE A 40 6.53 -0.02 -14.82
CB MSE A 40 6.36 -1.56 -17.28
CG MSE A 40 5.62 -2.01 -18.52
SE MSE A 40 3.86 -1.15 -18.64
CE MSE A 40 2.88 -2.27 -17.32
N LEU A 41 7.95 1.32 -15.89
CA LEU A 41 8.55 1.84 -14.66
C LEU A 41 7.89 3.12 -14.16
N SER A 42 7.27 3.88 -15.05
CA SER A 42 6.85 5.23 -14.70
C SER A 42 5.37 5.41 -14.96
N TYR A 43 4.69 6.10 -14.04
CA TYR A 43 3.24 6.13 -13.98
C TYR A 43 2.72 7.54 -13.70
N VAL A 44 1.57 7.86 -14.26
CA VAL A 44 0.87 9.09 -13.91
C VAL A 44 -0.48 8.73 -13.31
N ALA A 45 -0.92 9.57 -12.37
CA ALA A 45 -2.24 9.49 -11.82
C ALA A 45 -3.05 10.63 -12.41
N THR A 46 -4.24 10.29 -12.86
CA THR A 46 -5.06 11.16 -13.69
C THR A 46 -6.44 11.31 -13.05
N ASP A 47 -6.95 12.54 -13.02
CA ASP A 47 -8.26 12.79 -12.43
C ASP A 47 -9.36 12.46 -13.46
N PRO A 48 -10.64 12.56 -13.09
CA PRO A 48 -11.74 12.31 -14.04
C PRO A 48 -11.66 13.03 -15.39
N LYS A 49 -10.98 14.17 -15.44
CA LYS A 49 -10.86 14.94 -16.69
C LYS A 49 -9.58 14.61 -17.48
N GLY A 50 -8.85 13.61 -17.03
CA GLY A 50 -7.66 13.23 -17.76
C GLY A 50 -6.43 14.00 -17.32
N ARG A 51 -6.61 14.85 -16.31
CA ARG A 51 -5.52 15.68 -15.85
C ARG A 51 -4.57 14.91 -14.94
N VAL A 52 -3.28 15.02 -15.22
CA VAL A 52 -2.25 14.44 -14.37
C VAL A 52 -2.24 15.15 -13.01
N VAL A 53 -2.43 14.40 -11.94
CA VAL A 53 -2.37 15.01 -10.61
C VAL A 53 -1.26 14.42 -9.77
N GLY A 54 -0.54 13.48 -10.35
CA GLY A 54 0.63 12.92 -9.67
C GLY A 54 1.40 12.04 -10.62
N TYR A 55 2.66 11.74 -10.30
CA TYR A 55 3.45 10.90 -11.19
C TYR A 55 4.66 10.36 -10.49
N VAL A 56 5.17 9.24 -11.01
CA VAL A 56 6.45 8.72 -10.55
C VAL A 56 7.31 8.45 -11.79
N LEU A 57 8.53 8.97 -11.79
CA LEU A 57 9.49 8.69 -12.86
C LEU A 57 10.64 7.87 -12.30
N ALA A 58 11.10 6.91 -13.09
CA ALA A 58 12.18 6.05 -12.66
C ALA A 58 12.97 5.57 -13.87
N LYS A 59 14.07 4.87 -13.61
CA LYS A 59 14.87 4.27 -14.68
C LYS A 59 15.72 3.15 -14.08
N MSE A 60 16.20 2.25 -14.94
CA MSE A 60 17.20 1.29 -14.51
C MSE A 60 18.59 1.85 -14.80
O MSE A 60 18.76 2.66 -15.70
CB MSE A 60 17.01 -0.04 -15.25
CG MSE A 60 15.66 -0.70 -15.02
SE MSE A 60 15.38 -1.17 -13.13
CE MSE A 60 16.85 -2.46 -12.90
N GLU A 61 19.59 1.44 -14.03
CA GLU A 61 20.94 1.84 -14.30
C GLU A 61 21.31 1.26 -15.65
N GLU A 62 21.96 2.05 -16.50
CA GLU A 62 22.28 1.59 -17.85
C GLU A 62 23.48 0.68 -17.95
N GLU A 63 24.50 0.96 -17.16
CA GLU A 63 25.69 0.12 -17.24
C GLU A 63 26.03 -0.34 -15.85
N PRO A 64 25.24 -1.27 -15.32
CA PRO A 64 25.39 -1.65 -13.91
C PRO A 64 26.69 -2.39 -13.68
N LYS A 65 27.34 -2.08 -12.57
CA LYS A 65 28.52 -2.81 -12.14
C LYS A 65 28.19 -4.28 -11.97
N ASP A 66 29.01 -5.13 -12.57
CA ASP A 66 28.87 -6.58 -12.47
C ASP A 66 27.59 -7.07 -13.15
N GLY A 67 26.93 -6.18 -13.89
CA GLY A 67 25.72 -6.54 -14.58
C GLY A 67 24.56 -6.79 -13.64
N ILE A 68 24.71 -6.40 -12.37
CA ILE A 68 23.62 -6.51 -11.39
C ILE A 68 22.60 -5.38 -11.53
N PRO A 69 21.40 -5.72 -11.96
CA PRO A 69 20.42 -4.69 -12.27
C PRO A 69 20.00 -3.92 -11.02
N HIS A 70 19.85 -2.61 -11.16
CA HIS A 70 19.29 -1.82 -10.08
C HIS A 70 18.61 -0.58 -10.61
N GLY A 71 17.66 -0.08 -9.85
CA GLY A 71 16.82 1.02 -10.29
C GLY A 71 16.99 2.32 -9.53
N HIS A 72 16.49 3.38 -10.15
CA HIS A 72 16.48 4.70 -9.55
C HIS A 72 15.09 5.30 -9.69
N ILE A 73 14.57 5.86 -8.60
CA ILE A 73 13.41 6.74 -8.69
C ILE A 73 14.00 8.12 -8.85
N THR A 74 13.59 8.81 -9.92
CA THR A 74 14.23 10.06 -10.29
C THR A 74 13.36 11.27 -9.97
N SER A 75 12.05 11.06 -9.94
CA SER A 75 11.13 12.12 -9.56
C SER A 75 9.78 11.55 -9.17
N VAL A 76 9.21 12.06 -8.10
CA VAL A 76 7.84 11.74 -7.72
C VAL A 76 7.19 13.04 -7.26
N SER A 77 5.94 13.24 -7.63
CA SER A 77 5.24 14.47 -7.31
C SER A 77 3.73 14.25 -7.28
N VAL A 78 3.06 14.80 -6.28
CA VAL A 78 1.60 14.75 -6.24
C VAL A 78 1.16 16.19 -6.04
N MSE A 79 0.25 16.71 -6.86
CA MSE A 79 -0.10 18.11 -6.69
C MSE A 79 -0.77 18.34 -5.35
O MSE A 79 -1.36 17.40 -4.78
CB MSE A 79 -0.96 18.64 -7.83
CG MSE A 79 -2.32 18.00 -8.00
SE MSE A 79 -3.42 19.12 -9.21
CE MSE A 79 -2.10 19.42 -10.66
N ARG A 80 -0.66 19.56 -4.83
CA ARG A 80 -1.09 19.85 -3.48
C ARG A 80 -2.52 19.42 -3.21
N SER A 81 -3.40 19.67 -4.17
CA SER A 81 -4.80 19.29 -4.04
C SER A 81 -5.03 17.80 -3.73
N TYR A 82 -4.13 16.95 -4.22
CA TYR A 82 -4.30 15.49 -4.13
C TYR A 82 -3.38 14.82 -3.10
N ARG A 83 -2.68 15.61 -2.29
CA ARG A 83 -1.75 15.04 -1.32
C ARG A 83 -2.46 14.43 -0.13
N HIS A 84 -1.74 13.55 0.57
CA HIS A 84 -2.20 12.96 1.81
C HIS A 84 -3.33 11.97 1.56
N LEU A 85 -3.38 11.44 0.35
CA LEU A 85 -4.37 10.44 -0.03
C LEU A 85 -3.71 9.08 -0.28
N GLY A 86 -2.39 9.00 -0.10
CA GLY A 86 -1.65 7.79 -0.37
C GLY A 86 -1.28 7.63 -1.83
N LEU A 87 -1.41 8.70 -2.60
CA LEU A 87 -1.11 8.61 -4.02
C LEU A 87 0.36 8.36 -4.30
N ALA A 88 1.23 9.09 -3.61
CA ALA A 88 2.66 8.92 -3.79
C ALA A 88 3.07 7.48 -3.40
N LYS A 89 2.53 7.02 -2.27
CA LYS A 89 2.77 5.63 -1.84
C LYS A 89 2.44 4.66 -2.94
N ARG A 90 1.24 4.83 -3.50
CA ARG A 90 0.74 3.93 -4.53
C ARG A 90 1.61 3.94 -5.79
N LEU A 91 2.04 5.13 -6.19
CA LEU A 91 2.88 5.26 -7.38
C LEU A 91 4.23 4.61 -7.18
N MSE A 92 4.84 4.85 -6.03
CA MSE A 92 6.16 4.32 -5.73
C MSE A 92 6.15 2.79 -5.71
O MSE A 92 7.06 2.13 -6.22
CB MSE A 92 6.60 4.80 -4.36
CG MSE A 92 6.91 6.29 -4.27
SE MSE A 92 8.59 6.72 -5.17
CE MSE A 92 9.79 5.94 -3.82
N VAL A 93 5.12 2.22 -5.09
CA VAL A 93 4.99 0.77 -4.97
C VAL A 93 4.87 0.13 -6.35
N GLN A 94 4.05 0.73 -7.21
CA GLN A 94 3.89 0.20 -8.56
C GLN A 94 5.20 0.26 -9.33
N SER A 95 5.94 1.35 -9.16
CA SER A 95 7.24 1.46 -9.82
C SER A 95 8.21 0.39 -9.27
N GLN A 96 8.28 0.28 -7.95
CA GLN A 96 9.07 -0.76 -7.28
C GLN A 96 8.77 -2.15 -7.81
N ARG A 97 7.48 -2.48 -7.85
CA ARG A 97 7.10 -3.81 -8.26
C ARG A 97 7.53 -4.07 -9.70
N ALA A 98 7.40 -3.06 -10.55
CA ALA A 98 7.82 -3.25 -11.93
C ALA A 98 9.35 -3.36 -12.07
N MSE A 99 10.09 -2.63 -11.25
CA MSE A 99 11.55 -2.79 -11.25
C MSE A 99 11.94 -4.23 -10.99
O MSE A 99 12.75 -4.80 -11.71
CB MSE A 99 12.20 -1.91 -10.20
CG MSE A 99 12.22 -0.45 -10.54
SE MSE A 99 13.04 0.53 -9.04
CE MSE A 99 13.06 2.30 -9.90
N VAL A 100 11.37 -4.83 -9.95
CA VAL A 100 11.74 -6.19 -9.56
C VAL A 100 11.25 -7.22 -10.56
N GLU A 101 9.95 -7.17 -10.87
CA GLU A 101 9.27 -8.18 -11.68
C GLU A 101 9.68 -8.15 -13.15
N VAL A 102 9.91 -6.96 -13.68
CA VAL A 102 10.26 -6.86 -15.10
C VAL A 102 11.77 -6.89 -15.32
N TYR A 103 12.51 -6.02 -14.64
CA TYR A 103 13.93 -5.82 -14.95
C TYR A 103 14.85 -6.49 -13.95
N GLY A 104 14.27 -7.18 -12.97
CA GLY A 104 15.09 -7.93 -12.04
C GLY A 104 15.96 -7.09 -11.13
N ALA A 105 15.48 -5.91 -10.76
CA ALA A 105 16.23 -5.03 -9.87
C ALA A 105 16.54 -5.73 -8.56
N LYS A 106 17.79 -5.59 -8.11
CA LYS A 106 18.24 -6.13 -6.83
C LYS A 106 18.06 -5.07 -5.74
N TYR A 107 18.00 -3.83 -6.17
CA TYR A 107 17.76 -2.71 -5.27
C TYR A 107 17.45 -1.46 -6.06
N MSE A 108 17.09 -0.40 -5.33
CA MSE A 108 16.84 0.90 -5.93
C MSE A 108 17.38 2.01 -5.06
O MSE A 108 17.55 1.84 -3.85
CB MSE A 108 15.34 1.11 -6.19
CG MSE A 108 14.42 0.89 -4.99
SE MSE A 108 12.77 1.92 -5.28
CE MSE A 108 13.76 3.60 -5.31
N SER A 109 17.65 3.15 -5.70
CA SER A 109 18.24 4.30 -5.04
C SER A 109 17.56 5.58 -5.47
N LEU A 110 17.71 6.62 -4.66
CA LEU A 110 17.25 7.94 -5.04
C LEU A 110 18.00 8.99 -4.26
N HIS A 111 17.84 10.24 -4.67
CA HIS A 111 18.34 11.38 -3.93
C HIS A 111 17.16 12.29 -3.60
N VAL A 112 17.23 12.93 -2.43
CA VAL A 112 16.20 13.87 -1.98
C VAL A 112 16.90 15.04 -1.30
N ARG A 113 16.38 16.23 -1.51
CA ARG A 113 16.92 17.40 -0.80
C ARG A 113 16.83 17.22 0.73
N LYS A 114 17.89 17.63 1.42
CA LYS A 114 17.96 17.56 2.88
C LYS A 114 16.74 18.19 3.59
N SER A 115 16.16 19.22 2.98
CA SER A 115 15.07 19.96 3.60
C SER A 115 13.68 19.39 3.32
N ASN A 116 13.61 18.33 2.50
CA ASN A 116 12.32 17.84 2.03
C ASN A 116 11.71 16.86 3.01
N ARG A 117 11.15 17.38 4.09
CA ARG A 117 10.71 16.59 5.22
C ARG A 117 9.64 15.57 4.85
N ALA A 118 8.70 15.96 3.99
CA ALA A 118 7.63 15.08 3.57
C ALA A 118 8.15 13.88 2.81
N ALA A 119 9.09 14.12 1.89
CA ALA A 119 9.59 13.04 1.06
C ALA A 119 10.49 12.11 1.85
N ILE A 120 11.27 12.69 2.75
CA ILE A 120 12.11 11.85 3.61
C ILE A 120 11.25 10.92 4.45
N HIS A 121 10.17 11.45 5.02
CA HIS A 121 9.25 10.61 5.77
C HIS A 121 8.63 9.54 4.89
N LEU A 122 8.19 9.91 3.69
CA LEU A 122 7.60 8.95 2.76
C LEU A 122 8.56 7.81 2.46
N TYR A 123 9.80 8.16 2.11
CA TYR A 123 10.78 7.14 1.78
C TYR A 123 11.16 6.32 3.01
N ARG A 124 11.59 7.01 4.06
CA ARG A 124 12.10 6.35 5.27
C ARG A 124 11.06 5.63 6.12
N ASP A 125 9.96 6.31 6.42
CA ASP A 125 8.99 5.75 7.35
C ASP A 125 8.02 4.79 6.68
N THR A 126 7.35 5.23 5.63
CA THR A 126 6.36 4.34 5.04
C THR A 126 6.91 3.34 4.02
N LEU A 127 8.00 3.66 3.33
CA LEU A 127 8.50 2.73 2.31
C LEU A 127 9.79 1.99 2.72
N GLN A 128 10.26 2.31 3.92
CA GLN A 128 11.38 1.59 4.54
C GLN A 128 12.73 1.66 3.79
N PHE A 129 13.06 2.82 3.24
CA PHE A 129 14.39 3.06 2.67
C PHE A 129 15.42 3.27 3.77
N ASP A 130 16.66 2.87 3.52
CA ASP A 130 17.79 3.27 4.34
C ASP A 130 18.41 4.54 3.81
N VAL A 131 19.11 5.26 4.68
CA VAL A 131 19.82 6.47 4.27
C VAL A 131 21.31 6.16 4.26
N GLN A 132 21.91 6.18 3.08
CA GLN A 132 23.34 5.90 2.96
C GLN A 132 24.17 7.07 3.52
N GLY A 133 23.70 8.28 3.29
CA GLY A 133 24.45 9.45 3.73
C GLY A 133 24.09 10.69 2.95
N ILE A 134 24.90 11.73 3.12
CA ILE A 134 24.71 13.01 2.47
C ILE A 134 25.63 13.08 1.25
N GLU A 135 25.08 13.44 0.10
CA GLU A 135 25.89 13.74 -1.05
C GLU A 135 25.96 15.26 -1.14
N SER A 136 27.13 15.78 -0.83
CA SER A 136 27.33 17.22 -0.70
C SER A 136 27.09 17.95 -2.02
N LYS A 137 26.40 19.07 -1.96
CA LYS A 137 26.14 19.93 -3.12
C LYS A 137 25.63 19.18 -4.36
N TYR A 138 24.72 18.25 -4.16
CA TYR A 138 24.20 17.43 -5.24
C TYR A 138 23.34 18.23 -6.23
N TYR A 139 22.56 19.17 -5.73
CA TYR A 139 21.68 19.93 -6.62
C TYR A 139 22.35 21.17 -7.20
N ALA A 140 21.98 21.51 -8.43
CA ALA A 140 22.58 22.60 -9.18
C ALA A 140 22.59 23.92 -8.39
N ASP A 141 21.60 24.11 -7.53
CA ASP A 141 21.51 25.30 -6.70
C ASP A 141 22.27 25.19 -5.38
N GLY A 142 23.02 24.10 -5.20
CA GLY A 142 23.92 23.98 -4.07
C GLY A 142 23.51 23.07 -2.92
N GLU A 143 22.23 22.73 -2.82
CA GLU A 143 21.73 21.96 -1.68
C GLU A 143 22.27 20.53 -1.64
N ASP A 144 22.49 20.02 -0.43
CA ASP A 144 22.94 18.64 -0.30
C ASP A 144 21.77 17.71 -0.50
N ALA A 145 22.06 16.48 -0.89
CA ALA A 145 21.04 15.45 -1.03
C ALA A 145 21.32 14.36 -0.02
N TYR A 146 20.26 13.74 0.50
CA TYR A 146 20.40 12.45 1.15
C TYR A 146 20.36 11.41 0.05
N ALA A 147 21.32 10.49 0.08
CA ALA A 147 21.29 9.34 -0.80
C ALA A 147 20.53 8.22 -0.07
N MSE A 148 19.49 7.68 -0.69
CA MSE A 148 18.69 6.65 -0.03
C MSE A 148 18.56 5.39 -0.86
O MSE A 148 18.60 5.45 -2.08
CB MSE A 148 17.31 7.19 0.35
CG MSE A 148 17.38 8.41 1.25
SE MSE A 148 15.63 8.86 2.03
CE MSE A 148 15.37 7.34 3.20
N HIS A 149 18.41 4.26 -0.18
CA HIS A 149 18.42 2.97 -0.85
C HIS A 149 17.37 2.04 -0.24
N LYS A 150 16.83 1.18 -1.09
CA LYS A 150 15.93 0.14 -0.64
C LYS A 150 16.41 -1.17 -1.26
N ASP A 151 16.76 -2.12 -0.40
CA ASP A 151 17.18 -3.44 -0.83
C ASP A 151 15.99 -4.36 -1.12
N PHE A 152 16.06 -5.08 -2.24
CA PHE A 152 15.01 -6.03 -2.59
C PHE A 152 15.41 -7.45 -2.26
N SER A 153 16.51 -7.61 -1.54
CA SER A 153 16.94 -8.93 -1.08
C SER A 153 15.82 -9.62 -0.32
N ASP B 2 -14.74 2.75 -5.39
CA ASP B 2 -14.52 1.32 -5.40
C ASP B 2 -14.55 0.77 -3.98
N ILE B 3 -14.11 1.56 -3.00
CA ILE B 3 -14.06 1.13 -1.59
C ILE B 3 -14.87 2.04 -0.68
N ARG B 4 -15.73 1.45 0.14
CA ARG B 4 -16.60 2.24 1.03
C ARG B 4 -16.84 1.45 2.31
N PRO B 5 -17.30 2.13 3.37
CA PRO B 5 -17.69 1.42 4.59
C PRO B 5 -18.71 0.30 4.34
N ALA B 6 -18.57 -0.79 5.08
CA ALA B 6 -19.52 -1.92 4.96
C ALA B 6 -20.84 -1.58 5.64
N ARG B 7 -21.94 -2.11 5.10
CA ARG B 7 -23.24 -1.98 5.78
C ARG B 7 -23.87 -3.34 5.98
N ILE B 8 -24.87 -3.42 6.85
CA ILE B 8 -25.60 -4.67 7.12
C ILE B 8 -26.17 -5.26 5.83
N SER B 9 -26.58 -4.39 4.91
CA SER B 9 -27.19 -4.84 3.66
C SER B 9 -26.19 -5.46 2.68
N ASP B 10 -24.90 -5.41 3.02
CA ASP B 10 -23.86 -5.99 2.17
C ASP B 10 -23.64 -7.50 2.39
N LEU B 11 -24.35 -8.07 3.36
CA LEU B 11 -24.11 -9.46 3.75
C LEU B 11 -24.18 -10.45 2.58
N THR B 12 -25.20 -10.30 1.73
CA THR B 12 -25.36 -11.21 0.60
C THR B 12 -24.17 -11.14 -0.35
N GLY B 13 -23.80 -9.91 -0.74
CA GLY B 13 -22.65 -9.73 -1.61
C GLY B 13 -21.38 -10.29 -1.00
N MSE B 14 -21.21 -10.06 0.30
CA MSE B 14 -20.07 -10.60 1.03
C MSE B 14 -20.07 -12.13 1.01
O MSE B 14 -19.04 -12.75 0.71
CB MSE B 14 -20.06 -10.08 2.46
CG MSE B 14 -19.68 -8.64 2.57
SE MSE B 14 -20.14 -7.99 4.36
CE MSE B 14 -18.90 -6.49 4.48
N GLN B 15 -21.22 -12.72 1.30
CA GLN B 15 -21.36 -14.18 1.21
C GLN B 15 -20.96 -14.67 -0.18
N ASN B 16 -21.37 -13.95 -1.21
CA ASN B 16 -21.09 -14.40 -2.55
C ASN B 16 -19.61 -14.36 -2.89
N CYS B 17 -18.81 -13.62 -2.11
CA CYS B 17 -17.36 -13.64 -2.31
C CYS B 17 -16.72 -14.97 -1.86
N ASN B 18 -17.46 -15.74 -1.06
CA ASN B 18 -16.87 -16.90 -0.42
C ASN B 18 -17.38 -18.21 -0.99
N LEU B 19 -17.97 -18.11 -2.17
CA LEU B 19 -18.52 -19.24 -2.91
C LEU B 19 -17.54 -20.41 -2.99
N HIS B 20 -16.25 -20.10 -3.09
CA HIS B 20 -15.25 -21.17 -3.26
C HIS B 20 -14.36 -21.39 -2.05
N ASN B 21 -14.76 -20.78 -0.93
CA ASN B 21 -14.13 -21.02 0.36
C ASN B 21 -15.16 -20.79 1.45
N LEU B 22 -16.12 -21.70 1.50
CA LEU B 22 -17.30 -21.53 2.34
C LEU B 22 -17.07 -21.39 3.84
N PRO B 23 -15.94 -21.92 4.37
CA PRO B 23 -15.73 -21.66 5.79
C PRO B 23 -15.67 -20.19 6.19
N GLU B 24 -15.32 -19.31 5.27
CA GLU B 24 -15.31 -17.90 5.61
C GLU B 24 -16.73 -17.33 5.86
N ASN B 25 -17.77 -18.11 5.55
CA ASN B 25 -19.13 -17.68 5.85
C ASN B 25 -19.61 -18.11 7.25
N TYR B 26 -18.85 -18.99 7.90
CA TYR B 26 -19.30 -19.63 9.14
C TYR B 26 -19.67 -18.59 10.21
N GLN B 27 -18.86 -17.56 10.33
CA GLN B 27 -19.10 -16.54 11.37
C GLN B 27 -19.37 -15.17 10.79
N LEU B 28 -19.63 -15.11 9.48
CA LEU B 28 -19.73 -13.84 8.76
C LEU B 28 -20.82 -12.91 9.31
N LYS B 29 -22.01 -13.44 9.53
CA LYS B 29 -23.10 -12.61 10.00
C LYS B 29 -22.79 -12.01 11.38
N TYR B 30 -22.34 -12.87 12.30
CA TYR B 30 -21.88 -12.41 13.61
C TYR B 30 -20.85 -11.27 13.51
N TYR B 31 -19.81 -11.49 12.72
CA TYR B 31 -18.75 -10.49 12.58
C TYR B 31 -19.20 -9.21 11.88
N LEU B 32 -20.11 -9.33 10.92
CA LEU B 32 -20.69 -8.15 10.29
C LEU B 32 -21.46 -7.31 11.29
N TYR B 33 -22.28 -7.94 12.13
CA TYR B 33 -23.00 -7.20 13.16
C TYR B 33 -22.02 -6.51 14.08
N HIS B 34 -20.99 -7.21 14.52
CA HIS B 34 -20.00 -6.56 15.36
C HIS B 34 -19.28 -5.43 14.60
N ALA B 35 -19.00 -5.65 13.33
CA ALA B 35 -18.33 -4.64 12.50
C ALA B 35 -19.08 -3.31 12.50
N ILE B 36 -20.38 -3.41 12.22
CA ILE B 36 -21.26 -2.25 12.11
C ILE B 36 -21.26 -1.39 13.37
N SER B 37 -21.08 -2.04 14.52
CA SER B 37 -21.05 -1.35 15.81
C SER B 37 -19.70 -0.66 16.08
N TRP B 38 -18.74 -0.86 15.18
CA TRP B 38 -17.46 -0.13 15.17
C TRP B 38 -17.27 0.58 13.83
N PRO B 39 -17.97 1.71 13.64
CA PRO B 39 -17.97 2.46 12.39
C PRO B 39 -16.56 2.78 11.92
N MSE B 40 -16.35 2.71 10.60
CA MSE B 40 -15.11 3.09 9.92
C MSE B 40 -14.01 2.06 10.01
O MSE B 40 -12.91 2.27 9.53
CB MSE B 40 -14.61 4.47 10.39
CG MSE B 40 -15.62 5.56 10.12
SE MSE B 40 -16.23 5.57 8.25
CE MSE B 40 -14.65 6.43 7.41
N LEU B 41 -14.32 0.90 10.59
CA LEU B 41 -13.34 -0.17 10.69
C LEU B 41 -13.46 -1.16 9.52
N SER B 42 -14.64 -1.23 8.92
CA SER B 42 -14.95 -2.29 7.97
C SER B 42 -15.39 -1.72 6.64
N TYR B 43 -14.93 -2.36 5.55
CA TYR B 43 -15.02 -1.81 4.19
C TYR B 43 -15.35 -2.91 3.19
N VAL B 44 -16.08 -2.55 2.13
CA VAL B 44 -16.28 -3.44 1.00
C VAL B 44 -15.66 -2.80 -0.22
N ALA B 45 -15.16 -3.63 -1.13
CA ALA B 45 -14.69 -3.19 -2.43
C ALA B 45 -15.78 -3.55 -3.43
N THR B 46 -16.11 -2.61 -4.29
CA THR B 46 -17.28 -2.70 -5.14
C THR B 46 -16.90 -2.48 -6.60
N ASP B 47 -17.42 -3.29 -7.53
CA ASP B 47 -17.11 -3.14 -8.95
C ASP B 47 -18.01 -2.06 -9.58
N PRO B 48 -17.84 -1.73 -10.87
CA PRO B 48 -18.67 -0.68 -11.48
C PRO B 48 -20.19 -0.77 -11.28
N LYS B 49 -20.73 -1.96 -11.09
CA LYS B 49 -22.17 -2.10 -10.93
C LYS B 49 -22.66 -2.08 -9.48
N GLY B 50 -21.77 -1.89 -8.53
CA GLY B 50 -22.14 -1.91 -7.13
C GLY B 50 -21.96 -3.27 -6.48
N ARG B 51 -21.43 -4.23 -7.22
CA ARG B 51 -21.24 -5.56 -6.68
C ARG B 51 -20.03 -5.62 -5.76
N VAL B 52 -20.22 -6.18 -4.57
CA VAL B 52 -19.14 -6.40 -3.63
C VAL B 52 -18.18 -7.47 -4.16
N VAL B 53 -16.90 -7.14 -4.30
CA VAL B 53 -15.94 -8.14 -4.76
C VAL B 53 -14.86 -8.43 -3.73
N GLY B 54 -14.95 -7.77 -2.59
CA GLY B 54 -14.03 -8.01 -1.50
C GLY B 54 -14.46 -7.24 -0.28
N TYR B 55 -13.95 -7.60 0.89
CA TYR B 55 -14.32 -6.90 2.12
C TYR B 55 -13.32 -7.18 3.23
N VAL B 56 -13.30 -6.30 4.22
CA VAL B 56 -12.56 -6.53 5.45
C VAL B 56 -13.49 -6.25 6.62
N LEU B 57 -13.59 -7.19 7.56
CA LEU B 57 -14.34 -6.95 8.78
C LEU B 57 -13.40 -6.85 9.96
N ALA B 58 -13.72 -5.95 10.88
CA ALA B 58 -12.89 -5.75 12.03
C ALA B 58 -13.72 -5.30 13.23
N LYS B 59 -13.09 -5.21 14.39
CA LYS B 59 -13.74 -4.66 15.59
C LYS B 59 -12.69 -4.31 16.62
N MSE B 60 -13.06 -3.47 17.58
CA MSE B 60 -12.20 -3.24 18.73
C MSE B 60 -12.61 -4.20 19.85
O MSE B 60 -13.75 -4.63 19.92
CB MSE B 60 -12.32 -1.78 19.23
CG MSE B 60 -11.94 -0.73 18.19
SE MSE B 60 -10.06 -0.78 17.59
CE MSE B 60 -9.22 -0.37 19.31
N GLU B 61 -11.65 -4.52 20.71
CA GLU B 61 -11.95 -5.30 21.88
C GLU B 61 -12.86 -4.47 22.77
N GLU B 62 -13.90 -5.09 23.32
CA GLU B 62 -14.89 -4.34 24.11
C GLU B 62 -14.43 -3.98 25.51
N GLU B 63 -13.73 -4.90 26.15
CA GLU B 63 -13.29 -4.65 27.52
C GLU B 63 -11.82 -4.91 27.59
N PRO B 64 -11.02 -3.98 27.06
CA PRO B 64 -9.59 -4.21 26.96
C PRO B 64 -8.93 -4.23 28.34
N LYS B 65 -7.98 -5.14 28.54
CA LYS B 65 -7.20 -5.15 29.77
C LYS B 65 -6.52 -3.79 29.92
N ASP B 66 -6.68 -3.17 31.08
CA ASP B 66 -6.05 -1.90 31.39
C ASP B 66 -6.51 -0.73 30.50
N GLY B 67 -7.57 -0.95 29.75
CA GLY B 67 -8.12 0.09 28.90
C GLY B 67 -7.23 0.45 27.72
N ILE B 68 -6.24 -0.38 27.45
CA ILE B 68 -5.37 -0.21 26.29
C ILE B 68 -6.09 -0.71 25.05
N PRO B 69 -6.49 0.21 24.17
CA PRO B 69 -7.34 -0.15 23.04
C PRO B 69 -6.62 -1.05 22.04
N HIS B 70 -7.30 -2.07 21.56
CA HIS B 70 -6.71 -2.86 20.49
C HIS B 70 -7.77 -3.48 19.64
N GLY B 71 -7.40 -3.73 18.38
CA GLY B 71 -8.36 -4.17 17.39
C GLY B 71 -8.14 -5.60 16.92
N HIS B 72 -9.17 -6.13 16.28
CA HIS B 72 -9.14 -7.44 15.67
C HIS B 72 -9.66 -7.34 14.27
N ILE B 73 -8.94 -7.98 13.34
CA ILE B 73 -9.47 -8.24 12.02
C ILE B 73 -10.15 -9.58 12.10
N THR B 74 -11.42 -9.61 11.72
CA THR B 74 -12.23 -10.80 11.95
C THR B 74 -12.51 -11.58 10.67
N SER B 75 -12.52 -10.88 9.54
CA SER B 75 -12.68 -11.54 8.25
C SER B 75 -12.19 -10.65 7.12
N VAL B 76 -11.50 -11.26 6.16
CA VAL B 76 -11.12 -10.53 4.96
C VAL B 76 -11.32 -11.52 3.82
N SER B 77 -11.80 -11.04 2.68
CA SER B 77 -12.10 -11.91 1.57
C SER B 77 -12.13 -11.12 0.24
N VAL B 78 -11.55 -11.69 -0.81
CA VAL B 78 -11.62 -11.09 -2.12
C VAL B 78 -12.07 -12.20 -3.06
N MSE B 79 -13.08 -11.98 -3.89
CA MSE B 79 -13.51 -13.09 -4.75
C MSE B 79 -12.40 -13.45 -5.73
O MSE B 79 -11.58 -12.60 -6.09
CB MSE B 79 -14.81 -12.81 -5.48
CG MSE B 79 -14.80 -11.65 -6.43
SE MSE B 79 -16.42 -11.71 -7.56
CE MSE B 79 -17.78 -12.00 -6.13
N ARG B 80 -12.39 -14.72 -6.15
CA ARG B 80 -11.27 -15.24 -6.92
C ARG B 80 -10.91 -14.37 -8.12
N SER B 81 -11.93 -13.95 -8.86
CA SER B 81 -11.72 -13.11 -10.05
C SER B 81 -10.90 -11.86 -9.78
N TYR B 82 -10.98 -11.32 -8.56
CA TYR B 82 -10.33 -10.04 -8.25
C TYR B 82 -9.08 -10.18 -7.41
N ARG B 83 -8.62 -11.40 -7.20
CA ARG B 83 -7.43 -11.62 -6.38
C ARG B 83 -6.15 -11.24 -7.11
N HIS B 84 -5.09 -11.00 -6.34
CA HIS B 84 -3.76 -10.73 -6.84
C HIS B 84 -3.68 -9.37 -7.48
N LEU B 85 -4.58 -8.50 -7.05
CA LEU B 85 -4.61 -7.12 -7.51
C LEU B 85 -4.22 -6.17 -6.39
N GLY B 86 -3.95 -6.70 -5.20
CA GLY B 86 -3.62 -5.89 -4.04
C GLY B 86 -4.83 -5.38 -3.30
N LEU B 87 -5.98 -5.96 -3.59
CA LEU B 87 -7.21 -5.50 -2.97
C LEU B 87 -7.25 -5.79 -1.47
N ALA B 88 -6.88 -7.01 -1.08
CA ALA B 88 -6.88 -7.37 0.34
C ALA B 88 -5.90 -6.47 1.10
N LYS B 89 -4.75 -6.22 0.50
CA LYS B 89 -3.75 -5.30 1.04
C LYS B 89 -4.38 -3.94 1.32
N ARG B 90 -5.07 -3.41 0.32
CA ARG B 90 -5.69 -2.10 0.42
C ARG B 90 -6.75 -2.06 1.54
N LEU B 91 -7.56 -3.10 1.61
CA LEU B 91 -8.62 -3.15 2.59
C LEU B 91 -8.03 -3.22 4.00
N MSE B 92 -7.00 -4.06 4.18
CA MSE B 92 -6.38 -4.24 5.49
C MSE B 92 -5.75 -2.92 5.99
O MSE B 92 -5.86 -2.58 7.15
CB MSE B 92 -5.28 -5.30 5.44
CG MSE B 92 -5.78 -6.72 5.24
SE MSE B 92 -6.71 -7.35 6.86
CE MSE B 92 -5.13 -7.62 8.00
N VAL B 93 -5.05 -2.22 5.10
CA VAL B 93 -4.38 -0.98 5.46
C VAL B 93 -5.40 0.06 5.91
N GLN B 94 -6.51 0.16 5.18
CA GLN B 94 -7.54 1.11 5.52
C GLN B 94 -8.16 0.79 6.89
N SER B 95 -8.38 -0.50 7.18
CA SER B 95 -8.89 -0.88 8.48
C SER B 95 -7.87 -0.57 9.58
N GLN B 96 -6.61 -0.94 9.36
CA GLN B 96 -5.51 -0.57 10.27
C GLN B 96 -5.45 0.91 10.58
N ARG B 97 -5.45 1.72 9.54
CA ARG B 97 -5.34 3.16 9.72
C ARG B 97 -6.50 3.69 10.55
N ALA B 98 -7.72 3.20 10.30
CA ALA B 98 -8.88 3.65 11.06
C ALA B 98 -8.82 3.18 12.52
N MSE B 99 -8.30 1.97 12.75
CA MSE B 99 -8.12 1.50 14.12
C MSE B 99 -7.27 2.47 14.93
O MSE B 99 -7.64 2.83 16.05
CB MSE B 99 -7.43 0.15 14.17
CG MSE B 99 -8.30 -1.01 13.78
SE MSE B 99 -7.22 -2.64 13.82
CE MSE B 99 -8.68 -3.89 13.48
N VAL B 100 -6.15 2.87 14.35
CA VAL B 100 -5.22 3.77 15.03
C VAL B 100 -5.77 5.18 15.16
N GLU B 101 -6.20 5.74 14.03
CA GLU B 101 -6.61 7.15 13.95
C GLU B 101 -7.93 7.47 14.66
N VAL B 102 -8.88 6.52 14.65
CA VAL B 102 -10.18 6.78 15.26
C VAL B 102 -10.24 6.31 16.71
N TYR B 103 -9.88 5.05 16.93
CA TYR B 103 -10.07 4.41 18.23
C TYR B 103 -8.79 4.29 19.05
N GLY B 104 -7.67 4.75 18.50
CA GLY B 104 -6.43 4.75 19.26
C GLY B 104 -5.85 3.38 19.54
N ALA B 105 -6.07 2.44 18.62
CA ALA B 105 -5.53 1.09 18.78
C ALA B 105 -4.04 1.11 19.00
N LYS B 106 -3.57 0.32 19.96
CA LYS B 106 -2.14 0.21 20.23
C LYS B 106 -1.55 -0.98 19.49
N TYR B 107 -2.40 -1.92 19.12
CA TYR B 107 -1.97 -3.08 18.36
C TYR B 107 -3.21 -3.77 17.84
N MSE B 108 -3.01 -4.78 17.00
CA MSE B 108 -4.13 -5.54 16.49
C MSE B 108 -3.78 -7.00 16.42
O MSE B 108 -2.60 -7.36 16.37
CB MSE B 108 -4.58 -5.02 15.13
CG MSE B 108 -3.48 -4.98 14.08
SE MSE B 108 -4.33 -5.09 12.35
CE MSE B 108 -5.09 -6.85 12.72
N SER B 109 -4.82 -7.83 16.42
CA SER B 109 -4.68 -9.29 16.41
C SER B 109 -5.63 -9.94 15.44
N LEU B 110 -5.29 -11.16 15.03
CA LEU B 110 -6.22 -11.96 14.26
C LEU B 110 -5.89 -13.44 14.41
N HIS B 111 -6.79 -14.28 13.91
CA HIS B 111 -6.52 -15.70 13.78
C HIS B 111 -6.70 -16.09 12.32
N VAL B 112 -5.91 -17.08 11.90
CA VAL B 112 -5.97 -17.62 10.54
C VAL B 112 -5.83 -19.12 10.63
N ARG B 113 -6.60 -19.85 9.83
CA ARG B 113 -6.45 -21.28 9.76
C ARG B 113 -5.01 -21.67 9.38
N LYS B 114 -4.46 -22.65 10.08
CA LYS B 114 -3.12 -23.16 9.79
C LYS B 114 -2.85 -23.48 8.31
N SER B 115 -3.87 -23.93 7.60
CA SER B 115 -3.67 -24.37 6.23
C SER B 115 -3.77 -23.25 5.19
N ASN B 116 -4.09 -22.04 5.65
CA ASN B 116 -4.38 -20.93 4.73
C ASN B 116 -3.11 -20.21 4.29
N ARG B 117 -2.38 -20.81 3.37
CA ARG B 117 -1.06 -20.32 2.99
C ARG B 117 -1.05 -18.91 2.44
N ALA B 118 -2.07 -18.56 1.66
CA ALA B 118 -2.16 -17.22 1.08
C ALA B 118 -2.34 -16.14 2.14
N ALA B 119 -3.23 -16.41 3.09
CA ALA B 119 -3.52 -15.41 4.11
C ALA B 119 -2.33 -15.29 5.05
N ILE B 120 -1.67 -16.40 5.35
CA ILE B 120 -0.48 -16.35 6.19
C ILE B 120 0.60 -15.48 5.55
N HIS B 121 0.83 -15.69 4.25
CA HIS B 121 1.81 -14.84 3.58
C HIS B 121 1.40 -13.36 3.63
N LEU B 122 0.13 -13.09 3.38
CA LEU B 122 -0.38 -11.72 3.40
C LEU B 122 -0.12 -11.06 4.75
N TYR B 123 -0.50 -11.74 5.83
CA TYR B 123 -0.31 -11.16 7.15
C TYR B 123 1.16 -11.13 7.56
N ARG B 124 1.81 -12.30 7.49
CA ARG B 124 3.20 -12.40 7.97
C ARG B 124 4.20 -11.64 7.11
N ASP B 125 4.13 -11.84 5.80
CA ASP B 125 5.15 -11.27 4.92
C ASP B 125 4.86 -9.84 4.45
N THR B 126 3.71 -9.60 3.84
CA THR B 126 3.51 -8.26 3.27
C THR B 126 3.03 -7.22 4.29
N LEU B 127 2.30 -7.62 5.32
CA LEU B 127 1.81 -6.65 6.30
C LEU B 127 2.63 -6.73 7.60
N GLN B 128 3.62 -7.61 7.63
CA GLN B 128 4.58 -7.70 8.73
C GLN B 128 3.97 -8.03 10.11
N PHE B 129 2.97 -8.91 10.15
CA PHE B 129 2.47 -9.42 11.42
C PHE B 129 3.47 -10.41 12.00
N ASP B 130 3.48 -10.46 13.33
CA ASP B 130 4.21 -11.48 14.05
C ASP B 130 3.29 -12.66 14.34
N VAL B 131 3.86 -13.83 14.54
CA VAL B 131 3.08 -15.00 14.88
C VAL B 131 3.31 -15.27 16.37
N GLN B 132 2.28 -15.09 17.18
CA GLN B 132 2.40 -15.28 18.61
C GLN B 132 2.47 -16.77 18.96
N GLY B 133 1.71 -17.57 18.24
CA GLY B 133 1.64 -18.99 18.50
C GLY B 133 0.43 -19.65 17.86
N ILE B 134 0.21 -20.90 18.23
CA ILE B 134 -0.88 -21.71 17.70
C ILE B 134 -1.99 -21.80 18.72
N GLU B 135 -3.24 -21.60 18.28
CA GLU B 135 -4.38 -21.87 19.16
C GLU B 135 -5.02 -23.19 18.73
N SER B 136 -4.94 -24.18 19.61
CA SER B 136 -5.45 -25.51 19.32
C SER B 136 -6.96 -25.50 19.12
N LYS B 137 -7.44 -26.20 18.09
CA LYS B 137 -8.87 -26.38 17.85
C LYS B 137 -9.70 -25.10 17.94
N TYR B 138 -9.18 -24.01 17.38
CA TYR B 138 -9.83 -22.71 17.43
C TYR B 138 -11.15 -22.63 16.63
N TYR B 139 -11.20 -23.28 15.48
CA TYR B 139 -12.37 -23.23 14.62
C TYR B 139 -13.35 -24.35 14.94
N ALA B 140 -14.64 -24.09 14.74
CA ALA B 140 -15.71 -25.03 15.06
C ALA B 140 -15.53 -26.41 14.43
N ASP B 141 -14.89 -26.44 13.26
CA ASP B 141 -14.69 -27.71 12.58
C ASP B 141 -13.40 -28.40 13.02
N GLY B 142 -12.73 -27.81 14.01
CA GLY B 142 -11.58 -28.44 14.62
C GLY B 142 -10.22 -27.91 14.23
N GLU B 143 -10.13 -27.17 13.12
CA GLU B 143 -8.82 -26.72 12.65
C GLU B 143 -8.18 -25.75 13.66
N ASP B 144 -6.87 -25.86 13.78
CA ASP B 144 -6.09 -24.98 14.63
C ASP B 144 -5.87 -23.64 13.94
N ALA B 145 -5.62 -22.59 14.71
CA ALA B 145 -5.31 -21.28 14.15
C ALA B 145 -3.95 -20.80 14.59
N TYR B 146 -3.27 -20.04 13.74
CA TYR B 146 -2.16 -19.23 14.20
C TYR B 146 -2.75 -17.97 14.78
N ALA B 147 -2.32 -17.59 15.98
CA ALA B 147 -2.67 -16.29 16.51
C ALA B 147 -1.59 -15.32 16.03
N MSE B 148 -2.02 -14.23 15.40
CA MSE B 148 -1.06 -13.26 14.89
C MSE B 148 -1.33 -11.84 15.38
O MSE B 148 -2.47 -11.46 15.57
CB MSE B 148 -1.01 -13.30 13.36
CG MSE B 148 -0.68 -14.67 12.80
SE MSE B 148 -0.23 -14.62 10.92
CE MSE B 148 1.44 -13.62 10.99
N HIS B 149 -0.25 -11.07 15.54
CA HIS B 149 -0.31 -9.75 16.15
C HIS B 149 0.56 -8.75 15.38
N LYS B 150 0.13 -7.50 15.35
CA LYS B 150 0.89 -6.42 14.78
C LYS B 150 0.88 -5.26 15.76
N ASP B 151 2.05 -4.85 16.22
CA ASP B 151 2.16 -3.72 17.13
C ASP B 151 2.13 -2.43 16.31
N PHE B 152 1.43 -1.43 16.83
CA PHE B 152 1.37 -0.14 16.17
C PHE B 152 2.34 0.85 16.79
N SER B 153 3.22 0.36 17.66
CA SER B 153 4.26 1.20 18.25
C SER B 153 5.09 1.91 17.18
N1A ACO C . 5.15 15.85 6.40
C2A ACO C . 5.51 14.68 7.01
N3A ACO C . 5.34 13.46 6.38
C4A ACO C . 4.65 13.59 5.23
C5A ACO C . 4.09 14.74 4.68
C6A ACO C . 4.26 15.86 5.40
N6A ACO C . 3.76 17.10 4.90
N7A ACO C . 3.48 14.48 3.47
C8A ACO C . 3.65 13.18 3.25
N9A ACO C . 4.36 12.59 4.28
C1B ACO C . 4.77 11.12 4.34
C2B ACO C . 4.42 10.26 5.66
O2B ACO C . 5.44 9.42 6.26
C3B ACO C . 3.04 9.65 5.15
O3B ACO C . 2.39 8.48 5.76
P3B ACO C . 1.20 8.75 6.73
O7A ACO C . 1.57 9.84 7.69
O8A ACO C . 0.92 7.47 7.44
O9A ACO C . 0.01 9.18 5.90
C4B ACO C . 3.23 9.57 3.59
O4B ACO C . 4.29 10.40 3.12
C5B ACO C . 1.93 9.94 2.93
O5B ACO C . 2.03 9.41 1.67
P1A ACO C . 1.27 10.07 0.50
O1A ACO C . -0.15 10.46 0.89
O2A ACO C . 1.28 8.96 -0.57
O3A ACO C . 2.15 11.30 0.03
P2A ACO C . 1.63 12.44 -0.90
O4A ACO C . 0.55 11.94 -1.90
O5A ACO C . 1.05 13.58 -0.05
O6A ACO C . 2.89 12.95 -1.71
CBP ACO C . 5.08 13.85 -1.94
CCP ACO C . 4.11 13.08 -1.06
CDP ACO C . 6.43 13.90 -1.25
CEP ACO C . 5.25 13.28 -3.33
CAP ACO C . 4.53 15.35 -2.09
OAP ACO C . 4.63 16.07 -0.80
C9P ACO C . 5.16 16.20 -3.26
O9P ACO C . 4.61 16.21 -4.35
N8P ACO C . 6.19 17.14 -2.92
C7P ACO C . 6.81 17.99 -3.95
C6P ACO C . 7.53 17.06 -4.87
C5P ACO C . 8.70 16.39 -4.21
O5P ACO C . 9.15 16.85 -3.17
N4P ACO C . 9.05 15.03 -4.59
C3P ACO C . 10.18 14.39 -3.93
C2P ACO C . 11.47 14.83 -4.61
S1P ACO C . 12.74 13.59 -4.31
C ACO C . 12.59 12.42 -5.65
O ACO C . 11.69 12.60 -6.44
CH3 ACO C . 13.41 11.14 -5.65
N1A ACO D . -0.11 -17.74 -2.31
C2A ACO D . 0.90 -17.15 -1.60
N3A ACO D . 0.83 -15.82 -1.23
C4A ACO D . -0.32 -15.25 -1.65
C5A ACO D . -1.33 -15.81 -2.45
C6A ACO D . -1.14 -17.06 -2.82
N6A ACO D . -2.26 -17.73 -3.41
N7A ACO D . -2.35 -14.92 -2.67
C8A ACO D . -2.03 -13.80 -2.02
N9A ACO D . -0.81 -13.96 -1.38
C1B ACO D . -0.18 -12.89 -0.52
C2B ACO D . 1.27 -12.35 -0.96
O2B ACO D . 2.33 -12.42 0.03
C3B ACO D . 0.80 -10.99 -1.63
O3B ACO D . 1.81 -9.99 -2.04
P3B ACO D . 2.58 -10.11 -3.39
O7A ACO D . 3.62 -9.02 -3.36
O8A ACO D . 1.59 -9.86 -4.50
O9A ACO D . 3.20 -11.46 -3.63
C4B ACO D . -0.37 -10.58 -0.62
O4B ACO D . -1.12 -11.75 -0.25
C5B ACO D . -1.28 -9.43 -1.01
O5B ACO D . -2.01 -9.80 -2.12
P1A ACO D . -3.49 -9.31 -2.33
O1A ACO D . -3.67 -9.17 -3.84
O2A ACO D . -3.78 -7.96 -1.63
O3A ACO D . -4.43 -10.43 -1.79
P2A ACO D . -5.73 -10.85 -2.54
O4A ACO D . -6.58 -9.64 -2.99
O5A ACO D . -5.34 -11.71 -3.74
O6A ACO D . -6.58 -11.69 -1.50
CBP ACO D . -6.95 -13.17 0.37
CCP ACO D . -5.93 -12.43 -0.51
CDP ACO D . -6.24 -14.02 1.42
CEP ACO D . -7.95 -12.25 1.03
CAP ACO D . -7.74 -14.17 -0.59
OAP ACO D . -6.82 -15.22 -1.10
C9P ACO D . -9.10 -14.77 -0.04
O9P ACO D . -10.15 -14.14 -0.15
N8P ACO D . -9.05 -16.13 0.44
C7P ACO D . -10.25 -16.76 1.00
C6P ACO D . -10.64 -15.95 2.19
C5P ACO D . -9.64 -16.08 3.32
O5P ACO D . -8.86 -17.04 3.35
N4P ACO D . -9.47 -14.98 4.23
C3P ACO D . -8.49 -15.03 5.30
C2P ACO D . -9.15 -15.68 6.49
S1P ACO D . -8.26 -15.18 7.97
C ACO D . -9.04 -13.71 8.61
O ACO D . -9.85 -13.16 7.90
CH3 ACO D . -8.33 -12.91 9.69
#